data_4FFO
#
_entry.id   4FFO
#
_cell.length_a   61.430
_cell.length_b   61.430
_cell.length_c   172.020
_cell.angle_alpha   90.00
_cell.angle_beta   90.00
_cell.angle_gamma   90.00
#
_symmetry.space_group_name_H-M   'P 43 21 2'
#
loop_
_entity.id
_entity.type
_entity.pdbx_description
1 polymer PylC
2 non-polymer '(2R)-2,5-diaminopentanoyl dihydrogen phosphate'
3 non-polymer "ADENOSINE-5'-DIPHOSPHATE"
4 non-polymer 'MAGNESIUM ION'
5 non-polymer "ADENOSINE-5'-TRIPHOSPHATE"
6 water water
#
_entity_poly.entity_id   1
_entity_poly.type   'polypeptide(L)'
_entity_poly.pdbx_seq_one_letter_code
;MKTICLVGGKLQGFEAAYLSKKAGMKVVLVDKNPQALIRNYADEFYCFDVIKEPEKLLELSKRVDAVLPVNENLACIEFL
NSIKEKFSCPVLFDFEAYRISRDKKKSKDYFKSIGVPTPQDRPSKPPYFVKPPCESSSVGARIIYDDKDLEGLEPDTLVE
EYVEGEVVSLEVVGDGSHFAVVKETLVHIDETYDCHMVTPLPANPLFRQISHDLAANLPLKGIMDVEAIFGPKGLRVIEI
DARFPSQTPTVVYYSSGINLIELLFRAFTDGVEEIRAIPENKYCIYEHLMFGENGVLIPVGEQVLSMGSDYGKFYEEPGI
EIFLCKGEYPVFTMVFWGKDREETGAKRCKGLSVLKERFGAVL
;
_entity_poly.pdbx_strand_id   A
#
# COMPACT_ATOMS: atom_id res chain seq x y z
N MET A 1 10.21 9.31 22.37
CA MET A 1 9.48 9.48 21.09
C MET A 1 10.44 9.51 19.91
N LYS A 2 10.12 8.74 18.88
CA LYS A 2 10.92 8.71 17.66
C LYS A 2 10.27 9.55 16.55
N THR A 3 11.08 9.92 15.56
CA THR A 3 10.59 10.71 14.43
C THR A 3 10.93 9.98 13.14
N ILE A 4 9.94 9.89 12.24
CA ILE A 4 10.14 9.28 10.93
C ILE A 4 10.06 10.37 9.85
N CYS A 5 10.96 10.31 8.88
CA CYS A 5 10.92 11.23 7.76
C CYS A 5 10.39 10.50 6.52
N LEU A 6 9.27 11.00 5.99
CA LEU A 6 8.67 10.41 4.81
C LEU A 6 9.04 11.23 3.58
N VAL A 7 9.56 10.56 2.55
CA VAL A 7 9.78 11.22 1.26
C VAL A 7 8.65 10.83 0.32
N GLY A 8 7.67 11.72 0.20
CA GLY A 8 6.49 11.48 -0.61
C GLY A 8 5.22 11.56 0.22
N GLY A 9 4.29 12.42 -0.21
CA GLY A 9 3.11 12.75 0.59
C GLY A 9 1.76 12.48 -0.06
N LYS A 10 1.68 11.41 -0.82
CA LYS A 10 0.40 10.96 -1.36
C LYS A 10 -0.12 9.74 -0.59
N LEU A 11 -0.55 8.70 -1.29
CA LEU A 11 -1.23 7.58 -0.65
C LEU A 11 -0.32 6.67 0.18
N GLN A 12 0.85 6.34 -0.37
CA GLN A 12 1.88 5.61 0.40
C GLN A 12 2.23 6.40 1.64
N GLY A 13 2.46 7.71 1.44
CA GLY A 13 2.80 8.63 2.52
C GLY A 13 1.73 8.67 3.61
N PHE A 14 0.46 8.74 3.20
CA PHE A 14 -0.64 8.73 4.17
C PHE A 14 -0.61 7.48 5.04
N GLU A 15 -0.47 6.32 4.39
CA GLU A 15 -0.47 5.04 5.08
C GLU A 15 0.65 4.97 6.10
N ALA A 16 1.84 5.40 5.68
CA ALA A 16 3.01 5.40 6.54
C ALA A 16 2.83 6.39 7.71
N ALA A 17 2.26 7.55 7.42
CA ALA A 17 2.03 8.58 8.45
C ALA A 17 1.00 8.09 9.47
N TYR A 18 -0.08 7.51 8.97
CA TYR A 18 -1.15 6.97 9.82
C TYR A 18 -0.60 5.95 10.82
N LEU A 19 0.10 4.94 10.34
CA LEU A 19 0.67 3.91 11.21
C LEU A 19 1.79 4.43 12.12
N SER A 20 2.56 5.42 11.65
CA SER A 20 3.57 6.06 12.49
C SER A 20 2.93 6.76 13.69
N LYS A 21 1.80 7.44 13.44
CA LYS A 21 1.04 8.09 14.51
C LYS A 21 0.48 7.08 15.51
N LYS A 22 0.01 5.94 15.02
CA LYS A 22 -0.47 4.87 15.88
C LYS A 22 0.66 4.35 16.78
N ALA A 23 1.89 4.40 16.25
CA ALA A 23 3.08 3.97 16.99
C ALA A 23 3.62 5.04 17.94
N GLY A 24 2.95 6.19 17.99
CA GLY A 24 3.39 7.32 18.80
C GLY A 24 4.60 8.06 18.25
N MET A 25 4.81 7.98 16.92
CA MET A 25 5.93 8.67 16.26
C MET A 25 5.52 10.02 15.69
N LYS A 26 6.48 10.95 15.67
CA LYS A 26 6.31 12.22 14.97
C LYS A 26 6.61 12.01 13.48
N VAL A 27 5.80 12.64 12.63
CA VAL A 27 5.89 12.45 11.18
C VAL A 27 6.38 13.73 10.50
N VAL A 28 7.55 13.65 9.88
CA VAL A 28 8.09 14.73 9.08
C VAL A 28 7.92 14.36 7.60
N LEU A 29 7.22 15.21 6.85
CA LEU A 29 7.03 14.98 5.42
C LEU A 29 7.97 15.83 4.58
N VAL A 30 8.60 15.20 3.59
CA VAL A 30 9.28 15.90 2.50
C VAL A 30 8.53 15.59 1.19
N ASP A 31 8.17 16.64 0.47
CA ASP A 31 7.51 16.49 -0.84
C ASP A 31 7.75 17.74 -1.68
N LYS A 32 7.99 17.54 -2.97
CA LYS A 32 8.25 18.63 -3.91
C LYS A 32 7.00 19.45 -4.24
N ASN A 33 5.82 18.89 -3.95
CA ASN A 33 4.54 19.54 -4.24
C ASN A 33 4.09 20.41 -3.08
N PRO A 34 3.99 21.75 -3.28
CA PRO A 34 3.48 22.63 -2.22
C PRO A 34 2.08 22.23 -1.76
N GLN A 35 1.32 21.60 -2.67
CA GLN A 35 -0.02 21.09 -2.38
C GLN A 35 -0.03 19.59 -2.10
N ALA A 36 1.07 19.05 -1.58
CA ALA A 36 1.15 17.60 -1.33
C ALA A 36 -0.06 17.15 -0.51
N LEU A 37 -0.64 16.04 -0.93
CA LEU A 37 -1.90 15.55 -0.37
C LEU A 37 -1.99 15.53 1.16
N ILE A 38 -0.97 15.01 1.83
CA ILE A 38 -1.02 14.85 3.28
C ILE A 38 -0.20 15.89 4.07
N ARG A 39 0.07 17.02 3.43
CA ARG A 39 0.88 18.09 4.04
C ARG A 39 0.37 18.53 5.42
N ASN A 40 -0.94 18.60 5.58
CA ASN A 40 -1.55 19.04 6.85
C ASN A 40 -1.69 17.91 7.87
N TYR A 41 -1.58 16.67 7.39
CA TYR A 41 -1.64 15.49 8.25
C TYR A 41 -0.32 15.23 8.98
N ALA A 42 0.79 15.51 8.29
CA ALA A 42 2.12 15.39 8.89
C ALA A 42 2.33 16.43 9.98
N ASP A 43 3.23 16.13 10.92
CA ASP A 43 3.52 17.03 12.02
C ASP A 43 4.40 18.19 11.56
N GLU A 44 5.25 17.91 10.57
CA GLU A 44 6.10 18.91 9.94
C GLU A 44 6.13 18.65 8.45
N PHE A 45 6.19 19.73 7.66
CA PHE A 45 6.22 19.63 6.21
C PHE A 45 7.36 20.50 5.67
N TYR A 46 8.24 19.89 4.91
CA TYR A 46 9.29 20.60 4.19
C TYR A 46 9.10 20.40 2.70
N CYS A 47 8.88 21.49 1.99
CA CYS A 47 8.64 21.42 0.54
C CYS A 47 9.93 21.64 -0.25
N PHE A 48 10.48 20.55 -0.75
CA PHE A 48 11.61 20.60 -1.68
C PHE A 48 11.71 19.30 -2.47
N ASP A 49 12.42 19.36 -3.59
CA ASP A 49 12.72 18.19 -4.40
C ASP A 49 14.06 17.64 -3.92
N VAL A 50 14.07 16.38 -3.47
CA VAL A 50 15.28 15.79 -2.87
C VAL A 50 16.41 15.61 -3.88
N ILE A 51 16.06 15.51 -5.16
CA ILE A 51 17.07 15.40 -6.23
C ILE A 51 17.76 16.75 -6.44
N LYS A 52 17.00 17.84 -6.34
CA LYS A 52 17.54 19.19 -6.56
C LYS A 52 18.29 19.70 -5.33
N GLU A 53 17.81 19.33 -4.15
CA GLU A 53 18.40 19.81 -2.90
C GLU A 53 18.65 18.68 -1.89
N PRO A 54 19.56 17.73 -2.24
CA PRO A 54 19.82 16.57 -1.38
C PRO A 54 20.36 16.95 0.00
N GLU A 55 21.13 18.03 0.07
CA GLU A 55 21.71 18.51 1.32
C GLU A 55 20.66 18.74 2.43
N LYS A 56 19.50 19.26 2.04
CA LYS A 56 18.37 19.46 2.96
C LYS A 56 17.87 18.15 3.57
N LEU A 57 17.78 17.10 2.75
CA LEU A 57 17.35 15.79 3.22
C LEU A 57 18.42 15.16 4.12
N LEU A 58 19.68 15.28 3.71
CA LEU A 58 20.80 14.79 4.49
C LEU A 58 20.88 15.48 5.85
N GLU A 59 20.60 16.78 5.87
CA GLU A 59 20.52 17.53 7.13
C GLU A 59 19.38 17.05 8.02
N LEU A 60 18.20 16.82 7.41
CA LEU A 60 17.06 16.24 8.12
C LEU A 60 17.38 14.87 8.73
N SER A 61 18.15 14.05 8.00
CA SER A 61 18.52 12.71 8.46
C SER A 61 19.29 12.73 9.79
N LYS A 62 19.89 13.86 10.11
CA LYS A 62 20.59 14.03 11.39
C LYS A 62 19.64 14.21 12.56
N ARG A 63 18.40 14.62 12.29
CA ARG A 63 17.46 14.91 13.37
C ARG A 63 16.20 14.04 13.41
N VAL A 64 16.20 12.97 12.61
CA VAL A 64 15.12 11.97 12.63
C VAL A 64 15.72 10.58 12.85
N ASP A 65 14.85 9.62 13.19
CA ASP A 65 15.30 8.27 13.49
C ASP A 65 15.38 7.35 12.27
N ALA A 66 14.65 7.70 11.21
CA ALA A 66 14.66 6.92 9.97
C ALA A 66 14.09 7.74 8.82
N VAL A 67 14.51 7.40 7.60
CA VAL A 67 13.95 8.00 6.39
C VAL A 67 13.26 6.90 5.58
N LEU A 68 12.02 7.16 5.21
CA LEU A 68 11.23 6.18 4.47
C LEU A 68 10.79 6.75 3.12
N PRO A 69 11.36 6.22 2.02
CA PRO A 69 10.85 6.61 0.70
C PRO A 69 9.44 6.05 0.52
N VAL A 70 8.48 6.92 0.27
CA VAL A 70 7.11 6.51 -0.01
C VAL A 70 6.62 7.22 -1.27
N ASN A 71 7.33 6.96 -2.36
CA ASN A 71 6.93 7.39 -3.70
C ASN A 71 7.45 6.37 -4.70
N GLU A 72 6.89 6.39 -5.91
CA GLU A 72 7.32 5.48 -6.95
C GLU A 72 7.89 6.24 -8.14
N ASN A 73 8.47 7.40 -7.85
CA ASN A 73 9.24 8.17 -8.82
C ASN A 73 10.62 7.52 -8.95
N LEU A 74 10.84 6.81 -10.05
CA LEU A 74 12.09 6.07 -10.25
C LEU A 74 13.34 6.96 -10.18
N ALA A 75 13.25 8.16 -10.75
CA ALA A 75 14.34 9.14 -10.65
C ALA A 75 14.70 9.45 -9.18
N CYS A 76 13.69 9.63 -8.34
CA CYS A 76 13.89 9.85 -6.91
C CYS A 76 14.51 8.62 -6.25
N ILE A 77 13.93 7.44 -6.50
CA ILE A 77 14.40 6.19 -5.90
C ILE A 77 15.86 5.91 -6.29
N GLU A 78 16.18 6.06 -7.57
CA GLU A 78 17.54 5.81 -8.04
C GLU A 78 18.52 6.85 -7.50
N PHE A 79 18.07 8.10 -7.34
CA PHE A 79 18.92 9.14 -6.76
C PHE A 79 19.21 8.88 -5.27
N LEU A 80 18.19 8.50 -4.52
CA LEU A 80 18.37 8.16 -3.10
C LEU A 80 19.34 6.98 -2.94
N ASN A 81 19.20 5.98 -3.82
CA ASN A 81 20.15 4.86 -3.88
C ASN A 81 21.60 5.36 -3.98
N SER A 82 21.83 6.33 -4.85
CA SER A 82 23.18 6.84 -5.12
C SER A 82 23.80 7.59 -3.93
N ILE A 83 22.96 8.13 -3.03
CA ILE A 83 23.45 8.87 -1.86
C ILE A 83 23.11 8.24 -0.50
N LYS A 84 22.61 7.01 -0.49
CA LYS A 84 22.11 6.41 0.75
C LYS A 84 23.16 6.23 1.85
N GLU A 85 24.42 6.05 1.46
CA GLU A 85 25.52 5.87 2.43
C GLU A 85 25.82 7.16 3.20
N LYS A 86 25.29 8.28 2.72
CA LYS A 86 25.54 9.60 3.31
C LYS A 86 24.54 9.97 4.41
N PHE A 87 23.45 9.21 4.51
CA PHE A 87 22.42 9.46 5.53
C PHE A 87 22.95 9.20 6.93
N SER A 88 22.49 9.99 7.89
CA SER A 88 22.87 9.83 9.30
C SER A 88 21.84 9.00 10.08
N CYS A 89 20.91 8.38 9.36
CA CYS A 89 19.94 7.47 9.93
C CYS A 89 19.64 6.38 8.90
N PRO A 90 19.04 5.26 9.33
CA PRO A 90 18.72 4.21 8.35
C PRO A 90 17.75 4.71 7.28
N VAL A 91 17.93 4.22 6.06
CA VAL A 91 16.96 4.41 4.99
C VAL A 91 16.17 3.11 4.91
N LEU A 92 14.89 3.17 5.24
CA LEU A 92 14.04 1.97 5.31
C LEU A 92 13.56 1.54 3.91
N PHE A 93 14.46 0.94 3.15
CA PHE A 93 14.17 0.58 1.77
C PHE A 93 15.14 -0.51 1.29
N ASP A 94 14.67 -1.34 0.37
CA ASP A 94 15.50 -2.35 -0.27
C ASP A 94 15.56 -2.03 -1.76
N PHE A 95 16.66 -1.40 -2.18
CA PHE A 95 16.75 -0.88 -3.55
C PHE A 95 16.82 -1.96 -4.62
N GLU A 96 17.55 -3.04 -4.35
CA GLU A 96 17.62 -4.16 -5.29
C GLU A 96 16.26 -4.86 -5.43
N ALA A 97 15.56 -5.05 -4.32
CA ALA A 97 14.24 -5.68 -4.34
C ALA A 97 13.27 -4.82 -5.15
N TYR A 98 13.36 -3.50 -4.97
CA TYR A 98 12.51 -2.57 -5.70
C TYR A 98 12.75 -2.62 -7.21
N ARG A 99 14.02 -2.74 -7.60
CA ARG A 99 14.39 -2.83 -9.01
C ARG A 99 13.74 -4.04 -9.69
N ILE A 100 13.68 -5.17 -8.99
CA ILE A 100 12.99 -6.36 -9.49
C ILE A 100 11.47 -6.15 -9.47
N SER A 101 10.95 -5.73 -8.33
CA SER A 101 9.50 -5.65 -8.11
C SER A 101 8.79 -4.64 -9.02
N ARG A 102 9.44 -3.52 -9.32
CA ARG A 102 8.83 -2.48 -10.13
C ARG A 102 8.56 -2.93 -11.58
N ASP A 103 9.41 -3.81 -12.10
CA ASP A 103 9.29 -4.32 -13.46
C ASP A 103 8.57 -5.66 -13.40
N LYS A 104 7.32 -5.67 -13.89
CA LYS A 104 6.47 -6.86 -13.80
C LYS A 104 6.99 -8.08 -14.56
N LYS A 105 7.71 -7.84 -15.66
CA LYS A 105 8.30 -8.92 -16.46
C LYS A 105 9.49 -9.55 -15.72
N LYS A 106 10.30 -8.68 -15.13
CA LYS A 106 11.42 -9.08 -14.29
C LYS A 106 10.95 -9.89 -13.08
N SER A 107 9.86 -9.42 -12.47
CA SER A 107 9.21 -10.12 -11.36
C SER A 107 8.74 -11.52 -11.76
N LYS A 108 8.09 -11.61 -12.91
CA LYS A 108 7.58 -12.89 -13.41
C LYS A 108 8.72 -13.87 -13.71
N ASP A 109 9.85 -13.35 -14.20
CA ASP A 109 11.04 -14.16 -14.42
C ASP A 109 11.53 -14.70 -13.08
N TYR A 110 11.50 -13.83 -12.07
CA TYR A 110 11.88 -14.23 -10.71
C TYR A 110 10.95 -15.31 -10.15
N PHE A 111 9.64 -15.13 -10.30
CA PHE A 111 8.66 -16.14 -9.84
C PHE A 111 8.98 -17.50 -10.45
N LYS A 112 9.17 -17.52 -11.78
CA LYS A 112 9.45 -18.75 -12.52
C LYS A 112 10.76 -19.40 -12.07
N SER A 113 11.77 -18.58 -11.78
CA SER A 113 13.08 -19.08 -11.37
C SER A 113 13.04 -19.85 -10.05
N ILE A 114 12.06 -19.53 -9.19
CA ILE A 114 11.92 -20.27 -7.93
C ILE A 114 10.65 -21.16 -7.88
N GLY A 115 10.04 -21.39 -9.04
CA GLY A 115 8.93 -22.33 -9.17
C GLY A 115 7.58 -21.84 -8.65
N VAL A 116 7.37 -20.53 -8.63
CA VAL A 116 6.11 -19.95 -8.15
C VAL A 116 5.15 -19.74 -9.33
N PRO A 117 3.93 -20.32 -9.25
CA PRO A 117 2.97 -20.18 -10.35
C PRO A 117 2.54 -18.73 -10.57
N THR A 118 2.41 -18.36 -11.83
CA THR A 118 2.09 -16.99 -12.24
C THR A 118 1.26 -17.10 -13.53
N PRO A 119 0.47 -16.06 -13.87
CA PRO A 119 -0.37 -16.22 -15.07
C PRO A 119 0.44 -16.49 -16.34
N GLN A 120 -0.10 -17.37 -17.18
CA GLN A 120 0.48 -17.68 -18.49
C GLN A 120 0.65 -16.42 -19.33
N ASP A 121 1.83 -16.26 -19.92
CA ASP A 121 2.10 -15.15 -20.83
C ASP A 121 1.57 -15.43 -22.22
N ARG A 122 1.06 -14.37 -22.86
CA ARG A 122 0.57 -14.42 -24.24
C ARG A 122 -0.36 -15.61 -24.54
N PRO A 123 -1.57 -15.62 -23.94
CA PRO A 123 -2.53 -16.68 -24.24
C PRO A 123 -3.09 -16.54 -25.66
N SER A 124 -3.65 -17.62 -26.20
CA SER A 124 -4.17 -17.63 -27.56
C SER A 124 -5.67 -17.37 -27.62
N LYS A 125 -6.33 -17.55 -26.48
CA LYS A 125 -7.78 -17.43 -26.39
C LYS A 125 -8.17 -16.29 -25.44
N PRO A 126 -9.14 -15.44 -25.85
CA PRO A 126 -9.67 -14.38 -25.00
C PRO A 126 -10.42 -14.92 -23.77
N PRO A 127 -10.54 -14.12 -22.70
CA PRO A 127 -10.02 -12.75 -22.57
C PRO A 127 -8.55 -12.70 -22.19
N TYR A 128 -7.89 -11.62 -22.61
CA TYR A 128 -6.52 -11.34 -22.20
C TYR A 128 -6.56 -10.24 -21.15
N PHE A 129 -5.65 -10.31 -20.18
CA PHE A 129 -5.44 -9.17 -19.29
C PHE A 129 -4.14 -8.48 -19.66
N VAL A 130 -4.21 -7.17 -19.90
CA VAL A 130 -3.04 -6.41 -20.30
C VAL A 130 -2.75 -5.29 -19.30
N LYS A 131 -1.47 -5.01 -19.11
CA LYS A 131 -1.04 -3.97 -18.19
C LYS A 131 0.36 -3.46 -18.56
N PRO A 132 0.65 -2.18 -18.24
CA PRO A 132 2.01 -1.67 -18.42
C PRO A 132 3.01 -2.48 -17.58
N PRO A 133 4.30 -2.47 -17.96
CA PRO A 133 5.24 -3.26 -17.17
C PRO A 133 5.64 -2.62 -15.83
N CYS A 134 5.41 -1.31 -15.68
CA CYS A 134 6.01 -0.58 -14.56
C CYS A 134 5.10 0.40 -13.80
N GLU A 135 3.78 0.26 -13.95
CA GLU A 135 2.83 1.12 -13.25
C GLU A 135 2.36 0.52 -11.91
N SER A 136 1.49 1.24 -11.22
CA SER A 136 0.82 0.75 -10.01
C SER A 136 -0.62 1.29 -9.96
N SER A 137 -1.33 1.01 -8.86
CA SER A 137 -2.72 1.45 -8.67
C SER A 137 -3.67 1.02 -9.80
N SER A 138 -3.29 -0.03 -10.53
CA SER A 138 -4.04 -0.55 -11.68
C SER A 138 -4.08 0.39 -12.89
N VAL A 139 -3.16 1.37 -12.91
CA VAL A 139 -3.06 2.29 -14.04
C VAL A 139 -2.75 1.52 -15.32
N GLY A 140 -3.63 1.65 -16.31
CA GLY A 140 -3.47 0.98 -17.60
C GLY A 140 -3.86 -0.49 -17.62
N ALA A 141 -4.28 -1.02 -16.47
CA ALA A 141 -4.72 -2.41 -16.39
C ALA A 141 -6.14 -2.56 -16.93
N ARG A 142 -6.29 -3.42 -17.92
CA ARG A 142 -7.58 -3.61 -18.59
C ARG A 142 -7.74 -5.00 -19.16
N ILE A 143 -9.00 -5.44 -19.26
CA ILE A 143 -9.36 -6.71 -19.88
C ILE A 143 -9.62 -6.49 -21.38
N ILE A 144 -9.12 -7.38 -22.22
CA ILE A 144 -9.33 -7.30 -23.67
C ILE A 144 -9.95 -8.59 -24.20
N TYR A 145 -11.07 -8.45 -24.90
CA TYR A 145 -11.78 -9.58 -25.49
C TYR A 145 -11.46 -9.75 -26.97
N GLY A 152 -2.95 -2.07 -31.17
CA GLY A 152 -1.50 -1.90 -31.16
C GLY A 152 -1.00 -1.31 -29.85
N LEU A 153 -0.88 -2.16 -28.82
CA LEU A 153 -0.30 -1.76 -27.54
C LEU A 153 1.21 -1.60 -27.69
N GLU A 154 1.84 -0.92 -26.74
CA GLU A 154 3.30 -0.88 -26.66
C GLU A 154 3.88 -2.30 -26.68
N PRO A 155 4.96 -2.51 -27.47
CA PRO A 155 5.57 -3.85 -27.56
C PRO A 155 6.06 -4.37 -26.20
N ASP A 156 6.00 -3.51 -25.18
CA ASP A 156 6.47 -3.84 -23.85
C ASP A 156 5.32 -4.14 -22.87
N THR A 157 4.08 -4.05 -23.36
CA THR A 157 2.90 -4.34 -22.56
C THR A 157 2.87 -5.81 -22.14
N LEU A 158 2.56 -6.06 -20.88
CA LEU A 158 2.38 -7.43 -20.41
C LEU A 158 1.00 -7.91 -20.88
N VAL A 159 0.97 -9.07 -21.54
CA VAL A 159 -0.28 -9.70 -21.97
C VAL A 159 -0.40 -11.07 -21.30
N GLU A 160 -1.46 -11.25 -20.51
CA GLU A 160 -1.63 -12.44 -19.69
C GLU A 160 -2.97 -13.09 -19.88
N GLU A 161 -3.07 -14.35 -19.48
CA GLU A 161 -4.36 -14.99 -19.32
C GLU A 161 -5.10 -14.24 -18.22
N TYR A 162 -6.42 -14.13 -18.38
CA TYR A 162 -7.26 -13.54 -17.36
C TYR A 162 -7.59 -14.58 -16.31
N VAL A 163 -7.12 -14.35 -15.09
CA VAL A 163 -7.34 -15.27 -13.97
C VAL A 163 -8.44 -14.74 -13.07
N GLU A 164 -9.58 -15.43 -13.05
CA GLU A 164 -10.72 -15.03 -12.23
C GLU A 164 -10.57 -15.54 -10.80
N GLY A 165 -11.05 -14.74 -9.85
CA GLY A 165 -11.02 -15.13 -8.44
C GLY A 165 -10.58 -14.02 -7.51
N GLU A 166 -10.45 -14.35 -6.24
CA GLU A 166 -10.07 -13.38 -5.21
C GLU A 166 -8.65 -12.86 -5.38
N VAL A 167 -8.50 -11.54 -5.32
CA VAL A 167 -7.18 -10.91 -5.28
C VAL A 167 -6.77 -10.81 -3.82
N VAL A 168 -5.67 -11.46 -3.47
CA VAL A 168 -5.24 -11.60 -2.09
C VAL A 168 -3.84 -11.01 -1.90
N SER A 169 -3.66 -10.31 -0.79
CA SER A 169 -2.42 -9.60 -0.51
C SER A 169 -1.78 -10.08 0.79
N LEU A 170 -0.47 -10.24 0.76
CA LEU A 170 0.33 -10.50 1.97
C LEU A 170 1.53 -9.57 2.01
N GLU A 171 1.79 -8.98 3.18
CA GLU A 171 3.00 -8.21 3.38
C GLU A 171 4.04 -9.05 4.10
N VAL A 172 5.30 -8.84 3.71
CA VAL A 172 6.43 -9.51 4.36
C VAL A 172 7.44 -8.43 4.74
N VAL A 173 7.90 -8.48 5.98
CA VAL A 173 9.02 -7.62 6.40
C VAL A 173 10.23 -8.51 6.65
N GLY A 174 11.33 -8.22 5.94
CA GLY A 174 12.57 -8.95 6.11
C GLY A 174 13.66 -8.08 6.71
N ASP A 175 14.57 -8.70 7.44
CA ASP A 175 15.76 -8.01 7.96
C ASP A 175 17.03 -8.53 7.29
N GLY A 176 16.85 -9.23 6.18
CA GLY A 176 17.96 -9.87 5.47
C GLY A 176 18.15 -11.34 5.82
N SER A 177 17.74 -11.72 7.04
CA SER A 177 17.89 -13.08 7.56
C SER A 177 16.57 -13.73 7.93
N HIS A 178 15.67 -12.92 8.51
CA HIS A 178 14.37 -13.40 8.97
C HIS A 178 13.31 -12.68 8.21
N PHE A 179 12.24 -13.41 7.90
CA PHE A 179 11.21 -12.88 7.02
C PHE A 179 9.85 -13.08 7.67
N ALA A 180 9.30 -11.98 8.18
CA ALA A 180 8.03 -12.00 8.89
C ALA A 180 6.88 -11.81 7.91
N VAL A 181 6.18 -12.91 7.63
CA VAL A 181 4.98 -12.89 6.80
C VAL A 181 3.83 -12.53 7.73
N VAL A 182 3.04 -11.52 7.35
CA VAL A 182 2.09 -10.94 8.30
C VAL A 182 0.65 -11.47 8.14
N LYS A 183 -0.20 -10.72 7.44
CA LYS A 183 -1.63 -10.99 7.46
C LYS A 183 -2.29 -10.91 6.08
N GLU A 184 -3.04 -11.94 5.72
CA GLU A 184 -3.74 -12.00 4.43
C GLU A 184 -4.89 -11.00 4.39
N THR A 185 -4.99 -10.29 3.28
CA THR A 185 -6.13 -9.38 3.07
C THR A 185 -6.75 -9.59 1.70
N LEU A 186 -8.04 -9.30 1.62
CA LEU A 186 -8.78 -9.38 0.38
C LEU A 186 -8.85 -8.00 -0.26
N VAL A 187 -8.40 -7.94 -1.51
CA VAL A 187 -8.42 -6.71 -2.30
C VAL A 187 -9.70 -6.68 -3.15
N HIS A 188 -10.63 -5.78 -2.79
CA HIS A 188 -11.90 -5.67 -3.49
C HIS A 188 -11.76 -4.72 -4.65
N ILE A 189 -11.97 -5.23 -5.86
CA ILE A 189 -11.70 -4.47 -7.09
C ILE A 189 -12.96 -3.82 -7.66
N ASP A 190 -12.80 -2.71 -8.37
CA ASP A 190 -13.93 -2.10 -9.06
C ASP A 190 -13.86 -2.33 -10.56
N GLU A 191 -14.77 -1.68 -11.30
CA GLU A 191 -14.86 -1.85 -12.75
C GLU A 191 -13.58 -1.43 -13.49
N THR A 192 -12.70 -0.70 -12.80
CA THR A 192 -11.41 -0.29 -13.38
C THR A 192 -10.24 -1.14 -12.85
N TYR A 193 -10.55 -2.18 -12.08
CA TYR A 193 -9.54 -3.05 -11.43
C TYR A 193 -8.72 -2.32 -10.35
N ASP A 194 -9.16 -1.12 -9.97
CA ASP A 194 -8.62 -0.39 -8.83
C ASP A 194 -9.22 -0.97 -7.55
N CYS A 195 -8.58 -0.71 -6.41
CA CYS A 195 -9.05 -1.22 -5.12
C CYS A 195 -9.88 -0.18 -4.35
N HIS A 196 -11.12 -0.53 -4.02
CA HIS A 196 -12.05 0.36 -3.31
C HIS A 196 -12.31 -0.08 -1.88
N MET A 197 -11.94 -1.32 -1.57
CA MET A 197 -12.24 -1.92 -0.27
C MET A 197 -11.20 -2.99 0.09
N VAL A 198 -10.86 -3.08 1.38
CA VAL A 198 -9.99 -4.14 1.88
C VAL A 198 -10.59 -4.77 3.15
N THR A 199 -10.56 -6.10 3.20
CA THR A 199 -11.01 -6.87 4.37
C THR A 199 -9.96 -7.95 4.68
N PRO A 200 -9.92 -8.45 5.94
CA PRO A 200 -8.93 -9.47 6.26
C PRO A 200 -9.41 -10.88 5.89
N LEU A 201 -8.46 -11.78 5.74
CA LEU A 201 -8.74 -13.18 5.39
C LEU A 201 -8.05 -14.12 6.37
N PRO A 202 -8.59 -15.35 6.52
CA PRO A 202 -7.94 -16.39 7.33
C PRO A 202 -6.59 -16.78 6.75
N ALA A 203 -5.74 -17.41 7.56
CA ALA A 203 -4.40 -17.80 7.14
C ALA A 203 -4.45 -18.79 5.97
N ASN A 204 -3.55 -18.59 5.02
CA ASN A 204 -3.41 -19.51 3.89
C ASN A 204 -1.97 -20.00 3.84
N PRO A 205 -1.73 -21.21 4.39
CA PRO A 205 -0.37 -21.75 4.55
C PRO A 205 0.46 -21.76 3.26
N LEU A 206 -0.16 -22.10 2.14
CA LEU A 206 0.53 -22.11 0.84
C LEU A 206 0.97 -20.69 0.44
N PHE A 207 0.05 -19.73 0.54
CA PHE A 207 0.37 -18.34 0.19
C PHE A 207 1.44 -17.78 1.12
N ARG A 208 1.36 -18.13 2.40
CA ARG A 208 2.36 -17.72 3.38
C ARG A 208 3.76 -18.25 3.05
N GLN A 209 3.85 -19.52 2.68
CA GLN A 209 5.12 -20.12 2.29
C GLN A 209 5.69 -19.53 1.00
N ILE A 210 4.83 -19.33 0.01
CA ILE A 210 5.23 -18.69 -1.24
C ILE A 210 5.77 -17.28 -0.97
N SER A 211 5.05 -16.50 -0.16
CA SER A 211 5.45 -15.14 0.19
C SER A 211 6.77 -15.12 0.94
N HIS A 212 6.92 -16.07 1.88
CA HIS A 212 8.17 -16.24 2.61
C HIS A 212 9.34 -16.49 1.69
N ASP A 213 9.15 -17.38 0.71
CA ASP A 213 10.22 -17.78 -0.20
C ASP A 213 10.60 -16.66 -1.18
N LEU A 214 9.60 -15.91 -1.64
CA LEU A 214 9.84 -14.74 -2.49
C LEU A 214 10.73 -13.69 -1.80
N ALA A 215 10.48 -13.46 -0.51
CA ALA A 215 11.30 -12.55 0.28
C ALA A 215 12.68 -13.15 0.58
N ALA A 216 12.71 -14.42 0.96
CA ALA A 216 13.94 -15.09 1.42
C ALA A 216 15.00 -15.23 0.35
N ASN A 217 14.57 -15.43 -0.90
CA ASN A 217 15.48 -15.66 -2.01
C ASN A 217 16.11 -14.38 -2.56
N LEU A 218 15.70 -13.22 -2.07
CA LEU A 218 16.27 -11.96 -2.55
C LEU A 218 17.71 -11.69 -2.03
N PRO A 219 17.92 -11.66 -0.70
CA PRO A 219 16.99 -11.70 0.43
C PRO A 219 16.47 -10.30 0.77
N LEU A 220 15.22 -10.24 1.24
CA LEU A 220 14.57 -8.98 1.55
C LEU A 220 15.08 -8.35 2.84
N LYS A 221 15.57 -7.12 2.74
CA LYS A 221 15.78 -6.28 3.91
C LYS A 221 14.93 -5.03 3.71
N GLY A 222 13.72 -5.07 4.26
CA GLY A 222 12.71 -4.05 4.00
C GLY A 222 11.30 -4.63 4.01
N ILE A 223 10.38 -3.97 3.30
CA ILE A 223 8.99 -4.41 3.20
C ILE A 223 8.61 -4.68 1.74
N MET A 224 7.80 -5.71 1.55
CA MET A 224 7.30 -6.06 0.23
C MET A 224 5.93 -6.66 0.41
N ASP A 225 5.03 -6.37 -0.52
CA ASP A 225 3.78 -7.12 -0.53
C ASP A 225 3.74 -8.07 -1.71
N VAL A 226 2.93 -9.10 -1.59
CA VAL A 226 2.77 -10.12 -2.61
C VAL A 226 1.29 -10.13 -2.96
N GLU A 227 0.98 -10.04 -4.25
CA GLU A 227 -0.41 -10.09 -4.71
C GLU A 227 -0.62 -11.38 -5.50
N ALA A 228 -1.68 -12.10 -5.16
CA ALA A 228 -2.01 -13.34 -5.87
C ALA A 228 -3.49 -13.41 -6.16
N ILE A 229 -3.86 -14.09 -7.23
CA ILE A 229 -5.26 -14.38 -7.50
C ILE A 229 -5.51 -15.86 -7.20
N PHE A 230 -6.52 -16.12 -6.37
CA PHE A 230 -6.91 -17.48 -6.04
C PHE A 230 -7.83 -17.99 -7.13
N GLY A 231 -7.20 -18.50 -8.20
CA GLY A 231 -7.90 -18.82 -9.44
C GLY A 231 -8.55 -20.18 -9.43
N PRO A 232 -9.27 -20.52 -10.53
CA PRO A 232 -9.98 -21.80 -10.63
C PRO A 232 -9.03 -23.01 -10.68
N LYS A 233 -7.78 -22.79 -11.06
CA LYS A 233 -6.78 -23.86 -11.13
C LYS A 233 -5.68 -23.66 -10.10
N GLY A 234 -5.97 -22.88 -9.06
CA GLY A 234 -5.03 -22.61 -8.00
C GLY A 234 -4.52 -21.18 -7.95
N LEU A 235 -3.64 -20.95 -6.98
CA LEU A 235 -3.05 -19.65 -6.71
C LEU A 235 -2.06 -19.23 -7.80
N ARG A 236 -2.18 -18.00 -8.28
CA ARG A 236 -1.26 -17.44 -9.26
C ARG A 236 -0.78 -16.08 -8.77
N VAL A 237 0.52 -15.95 -8.56
CA VAL A 237 1.11 -14.69 -8.11
C VAL A 237 1.19 -13.72 -9.28
N ILE A 238 0.55 -12.55 -9.13
CA ILE A 238 0.50 -11.57 -10.22
C ILE A 238 1.61 -10.52 -10.13
N GLU A 239 1.89 -10.01 -8.92
CA GLU A 239 2.97 -9.02 -8.74
C GLU A 239 3.54 -9.06 -7.32
N ILE A 240 4.71 -8.44 -7.17
CA ILE A 240 5.26 -8.10 -5.88
C ILE A 240 5.58 -6.62 -5.94
N ASP A 241 5.53 -5.93 -4.81
CA ASP A 241 5.86 -4.52 -4.79
C ASP A 241 6.70 -4.28 -3.52
N ALA A 242 8.01 -4.06 -3.71
CA ALA A 242 8.94 -3.85 -2.59
C ALA A 242 9.00 -2.39 -2.19
N ARG A 243 7.94 -1.94 -1.54
CA ARG A 243 7.80 -0.59 -1.02
C ARG A 243 6.62 -0.61 -0.07
N PHE A 244 6.46 0.45 0.72
CA PHE A 244 5.36 0.51 1.68
C PHE A 244 4.03 0.69 0.96
N PRO A 245 3.08 -0.26 1.14
CA PRO A 245 1.80 -0.20 0.42
C PRO A 245 0.76 0.69 1.09
N SER A 246 -0.26 1.06 0.34
CA SER A 246 -1.41 1.76 0.90
C SER A 246 -2.56 0.78 1.12
N GLN A 247 -3.52 1.19 1.96
CA GLN A 247 -4.78 0.47 2.21
C GLN A 247 -4.61 -0.77 3.10
N THR A 248 -3.88 -1.77 2.62
CA THR A 248 -3.77 -3.03 3.36
C THR A 248 -3.15 -2.93 4.77
N PRO A 249 -2.12 -2.08 4.95
CA PRO A 249 -1.50 -2.01 6.29
C PRO A 249 -2.46 -1.54 7.41
N THR A 250 -3.48 -0.77 7.06
CA THR A 250 -4.49 -0.33 8.04
C THR A 250 -5.34 -1.54 8.48
N VAL A 251 -5.75 -2.36 7.51
CA VAL A 251 -6.52 -3.59 7.79
C VAL A 251 -5.65 -4.59 8.57
N VAL A 252 -4.39 -4.72 8.17
CA VAL A 252 -3.42 -5.55 8.89
C VAL A 252 -3.34 -5.12 10.36
N TYR A 253 -3.25 -3.81 10.59
CA TYR A 253 -3.16 -3.26 11.94
C TYR A 253 -4.34 -3.64 12.84
N TYR A 254 -5.57 -3.45 12.36
CA TYR A 254 -6.73 -3.76 13.20
C TYR A 254 -7.01 -5.25 13.33
N SER A 255 -6.80 -6.01 12.27
CA SER A 255 -7.14 -7.43 12.27
C SER A 255 -6.09 -8.29 12.99
N SER A 256 -4.82 -7.90 12.90
CA SER A 256 -3.74 -8.71 13.47
C SER A 256 -3.05 -8.07 14.67
N GLY A 257 -3.17 -6.74 14.78
CA GLY A 257 -2.48 -6.00 15.84
C GLY A 257 -1.04 -5.64 15.50
N ILE A 258 -0.60 -6.01 14.30
CA ILE A 258 0.77 -5.73 13.86
C ILE A 258 0.83 -4.39 13.13
N ASN A 259 1.73 -3.52 13.59
CA ASN A 259 1.97 -2.23 12.97
C ASN A 259 3.17 -2.37 12.03
N LEU A 260 2.91 -2.29 10.73
CA LEU A 260 3.94 -2.52 9.73
C LEU A 260 5.05 -1.47 9.71
N ILE A 261 4.76 -0.25 10.15
CA ILE A 261 5.81 0.77 10.29
C ILE A 261 6.79 0.41 11.42
N GLU A 262 6.25 -0.04 12.57
CA GLU A 262 7.08 -0.50 13.68
C GLU A 262 7.90 -1.72 13.30
N LEU A 263 7.28 -2.65 12.56
CA LEU A 263 7.97 -3.87 12.11
C LEU A 263 9.10 -3.54 11.13
N LEU A 264 8.82 -2.65 10.19
CA LEU A 264 9.84 -2.20 9.24
C LEU A 264 11.00 -1.50 9.96
N PHE A 265 10.68 -0.60 10.89
CA PHE A 265 11.70 0.10 11.67
C PHE A 265 12.58 -0.91 12.43
N ARG A 266 11.93 -1.90 13.04
CA ARG A 266 12.63 -2.98 13.74
C ARG A 266 13.59 -3.76 12.83
N ALA A 267 13.17 -4.01 11.58
CA ALA A 267 14.00 -4.74 10.61
C ALA A 267 15.35 -4.08 10.37
N PHE A 268 15.40 -2.75 10.48
CA PHE A 268 16.62 -1.99 10.26
C PHE A 268 17.35 -1.60 11.55
N THR A 269 16.82 -2.00 12.70
CA THR A 269 17.47 -1.70 13.98
C THR A 269 17.79 -2.96 14.79
N ASP A 270 16.77 -3.62 15.33
CA ASP A 270 16.96 -4.79 16.19
C ASP A 270 16.87 -6.10 15.42
N GLY A 271 16.27 -6.05 14.24
CA GLY A 271 16.00 -7.27 13.48
C GLY A 271 14.59 -7.74 13.74
N VAL A 272 14.19 -8.75 12.98
CA VAL A 272 12.81 -9.21 12.95
C VAL A 272 12.72 -10.70 13.27
N GLU A 273 11.56 -11.14 13.74
CA GLU A 273 11.32 -12.56 14.00
C GLU A 273 10.20 -13.07 13.11
N GLU A 274 10.34 -14.31 12.63
CA GLU A 274 9.33 -14.92 11.76
C GLU A 274 8.01 -15.16 12.50
N ILE A 275 6.93 -15.25 11.72
CA ILE A 275 5.52 -15.30 12.20
C ILE A 275 5.10 -14.10 13.05
N GLU A 280 -3.62 -10.76 17.39
CA GLU A 280 -5.04 -10.45 17.35
C GLU A 280 -5.72 -11.17 16.19
N ASN A 281 -7.06 -11.28 16.27
CA ASN A 281 -7.86 -11.89 15.22
C ASN A 281 -9.20 -11.16 15.07
N LYS A 282 -9.13 -9.84 14.94
CA LYS A 282 -10.32 -8.99 14.82
C LYS A 282 -10.73 -8.86 13.36
N TYR A 283 -11.89 -8.25 13.14
CA TYR A 283 -12.34 -7.97 11.78
C TYR A 283 -12.24 -6.47 11.49
N CYS A 284 -12.06 -6.13 10.21
CA CYS A 284 -11.89 -4.74 9.80
C CYS A 284 -12.46 -4.55 8.39
N ILE A 285 -13.20 -3.47 8.21
CA ILE A 285 -13.61 -3.07 6.87
C ILE A 285 -12.99 -1.71 6.56
N TYR A 286 -12.25 -1.65 5.45
CA TYR A 286 -11.60 -0.44 4.98
C TYR A 286 -12.17 -0.13 3.59
N GLU A 287 -12.65 1.10 3.38
CA GLU A 287 -13.21 1.44 2.06
C GLU A 287 -13.17 2.93 1.71
N HIS A 288 -13.20 3.21 0.41
CA HIS A 288 -13.32 4.59 -0.08
C HIS A 288 -14.68 4.84 -0.68
N LEU A 289 -15.28 5.97 -0.31
CA LEU A 289 -16.57 6.40 -0.86
C LEU A 289 -16.56 7.87 -1.24
N MET A 290 -16.83 8.14 -2.52
CA MET A 290 -16.96 9.50 -3.03
C MET A 290 -18.35 10.04 -2.73
N PHE A 291 -18.38 11.27 -2.23
CA PHE A 291 -19.60 12.00 -1.99
C PHE A 291 -19.93 12.75 -3.29
N GLY A 292 -20.75 12.13 -4.14
CA GLY A 292 -21.09 12.69 -5.44
C GLY A 292 -22.15 13.77 -5.39
N GLU A 293 -22.60 14.20 -6.56
CA GLU A 293 -23.64 15.22 -6.71
C GLU A 293 -24.88 14.88 -5.87
N ASN A 294 -25.37 15.86 -5.11
CA ASN A 294 -26.55 15.71 -4.24
C ASN A 294 -26.41 14.62 -3.18
N GLY A 295 -25.17 14.33 -2.79
CA GLY A 295 -24.89 13.41 -1.69
C GLY A 295 -24.87 11.92 -2.02
N VAL A 296 -24.98 11.58 -3.31
CA VAL A 296 -24.95 10.17 -3.72
C VAL A 296 -23.57 9.57 -3.42
N LEU A 297 -23.54 8.49 -2.63
CA LEU A 297 -22.29 7.86 -2.24
C LEU A 297 -21.85 6.82 -3.27
N ILE A 298 -20.64 7.00 -3.78
CA ILE A 298 -20.11 6.19 -4.87
C ILE A 298 -18.78 5.56 -4.45
N PRO A 299 -18.66 4.23 -4.54
CA PRO A 299 -17.37 3.59 -4.27
C PRO A 299 -16.34 4.01 -5.31
N VAL A 300 -15.14 4.36 -4.86
CA VAL A 300 -14.05 4.72 -5.76
C VAL A 300 -12.75 4.04 -5.34
N GLY A 301 -11.84 3.90 -6.30
CA GLY A 301 -10.52 3.35 -6.03
C GLY A 301 -9.50 4.42 -5.69
N GLU A 302 -8.29 3.96 -5.40
CA GLU A 302 -7.13 4.79 -5.10
C GLU A 302 -6.81 5.86 -6.12
N GLN A 303 -6.97 5.54 -7.40
CA GLN A 303 -6.70 6.50 -8.48
C GLN A 303 -7.46 7.80 -8.25
N VAL A 304 -8.69 7.70 -7.74
CA VAL A 304 -9.53 8.87 -7.50
C VAL A 304 -9.00 9.67 -6.30
N LEU A 305 -8.72 8.97 -5.21
CA LEU A 305 -8.20 9.57 -3.98
C LEU A 305 -6.93 10.38 -4.21
N SER A 306 -6.08 9.91 -5.13
CA SER A 306 -4.80 10.56 -5.40
C SER A 306 -4.93 11.82 -6.26
N MET A 307 -6.15 12.13 -6.70
CA MET A 307 -6.44 13.39 -7.37
C MET A 307 -6.90 14.46 -6.39
N GLY A 308 -6.92 14.13 -5.10
CA GLY A 308 -7.38 15.05 -4.05
C GLY A 308 -6.43 16.19 -3.76
N SER A 309 -6.88 17.14 -2.96
CA SER A 309 -6.11 18.35 -2.67
C SER A 309 -5.68 18.46 -1.21
N ASP A 310 -6.38 17.75 -0.33
CA ASP A 310 -6.12 17.78 1.11
C ASP A 310 -6.71 16.52 1.76
N TYR A 311 -5.96 15.87 2.63
CA TYR A 311 -6.34 14.57 3.18
C TYR A 311 -5.99 14.51 4.66
N GLY A 312 -6.99 14.32 5.51
CA GLY A 312 -6.79 14.24 6.96
C GLY A 312 -7.96 13.62 7.67
N LYS A 313 -7.87 13.50 8.99
CA LYS A 313 -8.91 12.89 9.80
C LYS A 313 -10.17 13.76 9.82
N PHE A 314 -11.33 13.11 9.65
CA PHE A 314 -12.61 13.78 9.61
C PHE A 314 -13.40 13.48 10.88
N TYR A 315 -13.40 12.21 11.30
CA TYR A 315 -14.19 11.77 12.43
C TYR A 315 -13.59 10.51 13.07
N GLU A 316 -13.79 10.37 14.38
CA GLU A 316 -13.44 9.15 15.10
C GLU A 316 -14.40 8.90 16.25
N GLU A 317 -14.77 7.63 16.43
CA GLU A 317 -15.38 7.13 17.65
C GLU A 317 -14.92 5.67 17.81
N PRO A 318 -15.25 5.02 18.94
CA PRO A 318 -14.80 3.62 19.09
C PRO A 318 -15.17 2.75 17.89
N GLY A 319 -14.16 2.11 17.29
CA GLY A 319 -14.38 1.23 16.13
C GLY A 319 -14.60 1.92 14.79
N ILE A 320 -14.51 3.25 14.76
CA ILE A 320 -14.75 4.01 13.53
C ILE A 320 -13.70 5.12 13.34
N GLU A 321 -13.03 5.09 12.20
CA GLU A 321 -12.21 6.21 11.77
C GLU A 321 -12.64 6.63 10.36
N ILE A 322 -12.79 7.93 10.17
CA ILE A 322 -13.15 8.48 8.86
C ILE A 322 -12.15 9.56 8.48
N PHE A 323 -11.60 9.43 7.28
CA PHE A 323 -10.68 10.43 6.75
C PHE A 323 -11.34 11.10 5.55
N LEU A 324 -11.11 12.39 5.41
CA LEU A 324 -11.70 13.14 4.31
C LEU A 324 -10.62 13.61 3.35
N CYS A 325 -10.77 13.21 2.10
CA CYS A 325 -9.92 13.71 1.02
C CYS A 325 -10.69 14.78 0.24
N LYS A 326 -10.28 16.03 0.43
CA LYS A 326 -10.91 17.17 -0.24
C LYS A 326 -10.50 17.28 -1.69
N GLY A 327 -11.36 17.87 -2.51
CA GLY A 327 -11.05 18.10 -3.92
C GLY A 327 -12.30 18.22 -4.76
N GLU A 328 -12.17 17.97 -6.06
CA GLU A 328 -13.33 17.86 -6.94
C GLU A 328 -14.14 16.65 -6.48
N TYR A 329 -15.21 16.93 -5.75
CA TYR A 329 -16.01 15.92 -5.04
C TYR A 329 -15.22 15.22 -3.93
N PRO A 330 -15.65 15.42 -2.66
CA PRO A 330 -14.94 14.84 -1.53
C PRO A 330 -14.96 13.30 -1.52
N VAL A 331 -13.84 12.70 -1.11
CA VAL A 331 -13.76 11.25 -0.94
C VAL A 331 -13.53 10.93 0.54
N PHE A 332 -14.35 10.03 1.08
CA PHE A 332 -14.17 9.57 2.46
C PHE A 332 -13.49 8.21 2.48
N THR A 333 -12.47 8.08 3.32
CA THR A 333 -11.89 6.78 3.62
C THR A 333 -12.41 6.34 4.98
N MET A 334 -13.13 5.21 4.99
CA MET A 334 -13.78 4.69 6.19
C MET A 334 -13.05 3.48 6.71
N VAL A 335 -12.78 3.49 8.02
CA VAL A 335 -12.12 2.36 8.68
C VAL A 335 -13.00 1.90 9.83
N PHE A 336 -13.44 0.64 9.75
CA PHE A 336 -14.28 0.05 10.80
C PHE A 336 -13.62 -1.21 11.34
N TRP A 337 -13.72 -1.41 12.66
CA TRP A 337 -13.21 -2.63 13.27
C TRP A 337 -14.03 -3.05 14.47
N GLY A 338 -13.92 -4.34 14.80
CA GLY A 338 -14.65 -4.96 15.89
C GLY A 338 -14.13 -6.38 16.08
N LYS A 339 -14.68 -7.09 17.05
CA LYS A 339 -14.22 -8.45 17.36
C LYS A 339 -14.58 -9.48 16.29
N ASP A 340 -15.64 -9.21 15.53
CA ASP A 340 -16.07 -10.08 14.44
C ASP A 340 -16.78 -9.30 13.32
N ARG A 341 -17.17 -10.01 12.26
CA ARG A 341 -17.86 -9.41 11.11
C ARG A 341 -19.11 -8.64 11.50
N GLU A 342 -19.86 -9.19 12.45
CA GLU A 342 -21.14 -8.63 12.89
C GLU A 342 -20.99 -7.26 13.55
N GLU A 343 -20.07 -7.16 14.51
CA GLU A 343 -19.81 -5.90 15.19
C GLU A 343 -19.25 -4.86 14.23
N THR A 344 -18.37 -5.29 13.33
CA THR A 344 -17.74 -4.40 12.36
C THR A 344 -18.78 -3.86 11.38
N GLY A 345 -19.69 -4.73 10.95
CA GLY A 345 -20.83 -4.33 10.12
C GLY A 345 -21.70 -3.30 10.80
N ALA A 346 -21.90 -3.48 12.12
CA ALA A 346 -22.64 -2.52 12.93
C ALA A 346 -21.94 -1.16 12.98
N LYS A 347 -20.61 -1.17 13.08
CA LYS A 347 -19.82 0.06 13.05
C LYS A 347 -19.91 0.73 11.69
N ARG A 348 -19.86 -0.09 10.63
CA ARG A 348 -20.01 0.43 9.27
C ARG A 348 -21.33 1.18 9.09
N CYS A 349 -22.43 0.59 9.57
CA CYS A 349 -23.74 1.23 9.55
C CYS A 349 -23.76 2.57 10.31
N LYS A 350 -23.21 2.56 11.52
CA LYS A 350 -23.09 3.78 12.34
C LYS A 350 -22.26 4.87 11.63
N GLY A 351 -21.13 4.47 11.05
CA GLY A 351 -20.28 5.37 10.30
C GLY A 351 -20.97 5.97 9.08
N LEU A 352 -21.71 5.13 8.37
CA LEU A 352 -22.51 5.58 7.22
C LEU A 352 -23.61 6.53 7.65
N SER A 353 -24.26 6.25 8.79
CA SER A 353 -25.35 7.08 9.29
C SER A 353 -24.87 8.45 9.76
N VAL A 354 -23.61 8.53 10.19
CA VAL A 354 -22.97 9.79 10.52
C VAL A 354 -22.95 10.69 9.27
N LEU A 355 -22.49 10.13 8.15
CA LEU A 355 -22.52 10.80 6.85
C LEU A 355 -23.94 11.15 6.41
N LYS A 356 -24.88 10.23 6.69
CA LYS A 356 -26.29 10.40 6.31
C LYS A 356 -26.95 11.56 7.04
N GLU A 357 -26.73 11.64 8.35
CA GLU A 357 -27.36 12.68 9.18
C GLU A 357 -26.57 14.01 9.16
N ARG A 358 -25.25 13.91 9.06
CA ARG A 358 -24.38 15.09 9.02
C ARG A 358 -24.40 15.80 7.67
N PHE A 359 -24.06 15.06 6.61
CA PHE A 359 -23.92 15.65 5.27
C PHE A 359 -25.04 15.28 4.29
N GLY A 360 -26.08 14.62 4.77
CA GLY A 360 -27.19 14.22 3.89
C GLY A 360 -26.75 13.25 2.80
N ALA A 361 -25.85 12.33 3.16
CA ALA A 361 -25.36 11.32 2.24
C ALA A 361 -26.41 10.25 1.96
N VAL A 362 -26.39 9.71 0.75
CA VAL A 362 -27.31 8.65 0.35
C VAL A 362 -26.59 7.36 -0.05
N LEU A 363 -26.95 6.27 0.63
CA LEU A 363 -26.44 4.92 0.35
C LEU A 363 -27.34 3.90 1.05
#